data_2VET
#
_entry.id   2VET
#
_cell.length_a   132.870
_cell.length_b   132.870
_cell.length_c   132.870
_cell.angle_alpha   90.00
_cell.angle_beta   90.00
_cell.angle_gamma   90.00
#
_symmetry.space_group_name_H-M   'I 21 3'
#
loop_
_entity.id
_entity.type
_entity.pdbx_description
1 polymer 'THYMIDYLATE SYNTHASE'
2 non-polymer "2'-DEOXYURIDINE 5'-MONOPHOSPHATE"
3 water water
#
_entity_poly.entity_id   1
_entity_poly.type   'polypeptide(L)'
_entity_poly.pdbx_seq_one_letter_code
;(CXM)KQYLELMQKVLDEGTQKNDRTGTGTLSIFGHQMRFNLQDGFPLVTTQRCHLRSIIHELLWFLQGDTNIAYLHENN
VTIWDEWADENGDLGPVYGKQWRAWPTPDGRHIDQITTVLNQLKNDPDSRRIIVSAWNVGELDKMALAPCHAFFQFYVAD
GKLSCQLYQRSCDVFLGLPFNIASYALLVHMMAQQCDLEVGDFVWTGGDTHLYSNHMDQTHLQLSREPRPLPKLIIKRKP
ESIFDYRFEDFEIEGYDPHPGIKAPVAI
;
_entity_poly.pdbx_strand_id   A
#
# COMPACT_ATOMS: atom_id res chain seq x y z
N LYS A 2 -8.75 -11.67 10.08
CA LYS A 2 -9.45 -12.82 9.54
C LYS A 2 -9.22 -12.99 8.01
N GLN A 3 -9.52 -11.95 7.22
CA GLN A 3 -9.33 -12.04 5.75
C GLN A 3 -7.88 -12.37 5.40
N TYR A 4 -6.96 -11.75 6.11
CA TYR A 4 -5.54 -11.96 5.90
C TYR A 4 -5.12 -13.40 6.20
N LEU A 5 -5.54 -13.96 7.33
CA LEU A 5 -5.16 -15.33 7.67
C LEU A 5 -5.79 -16.35 6.72
N GLU A 6 -7.01 -16.09 6.27
CA GLU A 6 -7.68 -16.98 5.31
C GLU A 6 -6.87 -17.02 4.01
N LEU A 7 -6.30 -15.89 3.61
CA LEU A 7 -5.50 -15.82 2.37
C LEU A 7 -4.25 -16.66 2.57
N MET A 8 -3.60 -16.47 3.71
CA MET A 8 -2.38 -17.20 4.04
C MET A 8 -2.64 -18.70 3.95
N GLN A 9 -3.74 -19.16 4.54
CA GLN A 9 -4.09 -20.59 4.51
C GLN A 9 -4.38 -21.01 3.07
N LYS A 10 -5.01 -20.15 2.29
CA LYS A 10 -5.33 -20.48 0.90
C LYS A 10 -4.08 -20.67 0.02
N VAL A 11 -3.07 -19.82 0.21
CA VAL A 11 -1.83 -19.97 -0.58
C VAL A 11 -1.19 -21.32 -0.20
N LEU A 12 -1.18 -21.65 1.09
CA LEU A 12 -0.61 -22.94 1.54
C LEU A 12 -1.35 -24.12 0.94
N ASP A 13 -2.67 -24.12 1.06
CA ASP A 13 -3.47 -25.22 0.52
C ASP A 13 -3.56 -25.27 -0.99
N GLU A 14 -3.66 -24.12 -1.63
CA GLU A 14 -3.85 -24.13 -3.08
C GLU A 14 -2.73 -23.65 -3.98
N GLY A 15 -1.69 -23.07 -3.40
CA GLY A 15 -0.61 -22.57 -4.21
C GLY A 15 0.18 -23.60 -4.99
N THR A 16 0.69 -23.18 -6.14
CA THR A 16 1.51 -24.01 -7.02
C THR A 16 2.95 -23.56 -6.83
N GLN A 17 3.89 -24.51 -6.93
CA GLN A 17 5.30 -24.18 -6.78
C GLN A 17 5.66 -23.36 -8.02
N LYS A 18 6.22 -22.17 -7.81
CA LYS A 18 6.58 -21.28 -8.90
C LYS A 18 7.88 -20.56 -8.52
N ASN A 19 8.83 -20.45 -9.44
CA ASN A 19 10.06 -19.76 -9.08
C ASN A 19 9.94 -18.26 -9.28
N ASP A 20 10.71 -17.52 -8.49
CA ASP A 20 10.73 -16.07 -8.61
C ASP A 20 12.05 -15.76 -9.34
N ARG A 21 12.36 -14.48 -9.51
CA ARG A 21 13.55 -14.01 -10.22
C ARG A 21 14.91 -14.32 -9.55
N THR A 22 14.94 -14.37 -8.22
CA THR A 22 16.16 -14.66 -7.47
C THR A 22 16.44 -16.16 -7.49
N GLY A 23 15.39 -16.96 -7.70
CA GLY A 23 15.57 -18.39 -7.70
C GLY A 23 14.95 -19.02 -6.47
N THR A 24 14.47 -18.19 -5.54
CA THR A 24 13.82 -18.74 -4.34
C THR A 24 12.47 -19.19 -4.85
N GLY A 25 12.03 -20.37 -4.46
CA GLY A 25 10.73 -20.77 -4.95
C GLY A 25 9.64 -20.07 -4.14
N THR A 26 8.41 -20.13 -4.64
CA THR A 26 7.26 -19.57 -3.94
C THR A 26 6.09 -20.52 -4.15
N LEU A 27 5.06 -20.33 -3.34
CA LEU A 27 3.80 -21.07 -3.43
C LEU A 27 2.95 -19.89 -3.91
N SER A 28 2.34 -20.03 -5.08
CA SER A 28 1.58 -18.96 -5.70
C SER A 28 0.16 -19.25 -6.17
N ILE A 29 -0.74 -18.27 -6.03
CA ILE A 29 -2.11 -18.38 -6.56
C ILE A 29 -2.22 -17.12 -7.40
N PHE A 30 -3.16 -17.12 -8.34
CA PHE A 30 -3.36 -15.98 -9.21
C PHE A 30 -4.81 -15.51 -9.15
N GLY A 31 -4.98 -14.27 -8.72
CA GLY A 31 -6.31 -13.71 -8.60
C GLY A 31 -6.93 -13.95 -7.24
N HIS A 32 -7.08 -12.89 -6.46
CA HIS A 32 -7.70 -12.97 -5.15
C HIS A 32 -8.22 -11.58 -4.84
N GLN A 33 -9.26 -11.52 -4.02
CA GLN A 33 -9.85 -10.25 -3.66
C GLN A 33 -10.36 -10.32 -2.23
N MET A 34 -10.09 -9.27 -1.47
CA MET A 34 -10.52 -9.17 -0.08
C MET A 34 -11.13 -7.78 0.07
N ARG A 35 -12.05 -7.64 1.01
CA ARG A 35 -12.72 -6.38 1.29
C ARG A 35 -12.58 -6.05 2.79
N PHE A 36 -12.34 -4.77 3.08
CA PHE A 36 -12.18 -4.32 4.44
C PHE A 36 -13.13 -3.15 4.65
N ASN A 37 -14.10 -3.31 5.53
CA ASN A 37 -15.00 -2.20 5.79
C ASN A 37 -14.21 -1.32 6.73
N LEU A 38 -13.80 -0.15 6.26
CA LEU A 38 -13.00 0.72 7.09
C LEU A 38 -13.74 1.24 8.30
N GLN A 39 -15.08 1.16 8.31
CA GLN A 39 -15.78 1.64 9.49
C GLN A 39 -15.61 0.64 10.64
N ASP A 40 -15.29 -0.62 10.33
CA ASP A 40 -15.09 -1.62 11.37
C ASP A 40 -13.76 -1.43 12.11
N GLY A 41 -12.89 -0.56 11.61
CA GLY A 41 -11.61 -0.35 12.27
C GLY A 41 -10.47 -0.31 11.28
N PHE A 42 -9.30 0.18 11.71
CA PHE A 42 -8.14 0.27 10.83
C PHE A 42 -7.54 -1.11 10.57
N PRO A 43 -7.46 -1.52 9.29
CA PRO A 43 -6.90 -2.82 8.93
C PRO A 43 -5.40 -3.04 9.06
N LEU A 44 -4.93 -3.09 10.31
CA LEU A 44 -3.53 -3.32 10.60
C LEU A 44 -3.44 -4.72 11.21
N VAL A 45 -2.63 -5.58 10.58
CA VAL A 45 -2.46 -6.97 11.04
C VAL A 45 -2.09 -7.01 12.54
N THR A 46 -2.80 -7.84 13.31
CA THR A 46 -2.54 -7.96 14.74
C THR A 46 -1.81 -9.24 15.09
N THR A 47 -1.88 -10.24 14.23
CA THR A 47 -1.22 -11.50 14.51
C THR A 47 0.31 -11.42 14.38
N GLN A 48 0.80 -10.20 14.17
CA GLN A 48 2.24 -9.90 14.16
C GLN A 48 2.40 -8.38 14.16
N ARG A 49 3.27 -7.88 15.04
CA ARG A 49 3.47 -6.45 15.13
C ARG A 49 4.05 -5.78 13.89
N CYS A 50 3.29 -4.80 13.39
CA CYS A 50 3.66 -4.05 12.22
C CYS A 50 3.99 -2.62 12.64
N HIS A 51 5.11 -2.09 12.18
N HIS A 51 5.10 -2.13 12.16
CA HIS A 51 5.42 -0.74 12.56
CA HIS A 51 5.45 -0.76 12.41
C HIS A 51 4.99 0.23 11.45
C HIS A 51 5.01 0.28 11.44
N LEU A 52 3.98 1.01 11.83
CA LEU A 52 3.32 2.01 11.01
C LEU A 52 4.18 3.23 10.67
N ARG A 53 5.19 3.51 11.50
CA ARG A 53 6.05 4.68 11.29
C ARG A 53 6.55 4.81 9.86
N SER A 54 7.13 3.73 9.33
CA SER A 54 7.66 3.67 7.96
C SER A 54 6.59 3.83 6.88
N ILE A 55 5.45 3.21 7.11
CA ILE A 55 4.31 3.26 6.20
C ILE A 55 3.89 4.71 6.00
N ILE A 56 3.71 5.40 7.13
CA ILE A 56 3.29 6.79 7.09
C ILE A 56 4.29 7.70 6.37
N HIS A 57 5.57 7.63 6.71
CA HIS A 57 6.55 8.47 6.03
C HIS A 57 6.61 8.14 4.53
N GLU A 58 6.54 6.86 4.20
CA GLU A 58 6.58 6.47 2.79
C GLU A 58 5.40 7.08 2.01
N LEU A 59 4.20 7.06 2.61
CA LEU A 59 3.02 7.62 1.95
C LEU A 59 3.14 9.13 1.74
N LEU A 60 3.61 9.83 2.77
CA LEU A 60 3.79 11.28 2.73
C LEU A 60 4.80 11.66 1.64
N TRP A 61 5.77 10.78 1.46
CA TRP A 61 6.85 10.93 0.49
C TRP A 61 6.27 10.76 -0.93
N PHE A 62 5.43 9.74 -1.11
CA PHE A 62 4.78 9.49 -2.41
C PHE A 62 3.99 10.75 -2.80
N LEU A 63 3.19 11.26 -1.86
CA LEU A 63 2.35 12.45 -2.11
C LEU A 63 3.15 13.69 -2.50
N GLN A 64 4.41 13.72 -2.09
CA GLN A 64 5.28 14.82 -2.42
C GLN A 64 5.81 14.72 -3.87
N GLY A 65 5.67 13.55 -4.50
CA GLY A 65 6.14 13.39 -5.88
C GLY A 65 7.63 13.18 -5.95
N ASP A 66 8.16 12.95 -4.77
CA ASP A 66 9.56 12.73 -4.49
C ASP A 66 9.95 11.29 -4.84
N THR A 67 11.09 11.11 -5.52
CA THR A 67 11.59 9.76 -5.82
C THR A 67 13.05 9.60 -5.35
N ASN A 68 13.56 10.58 -4.61
CA ASN A 68 14.92 10.47 -4.08
C ASN A 68 14.68 10.14 -2.60
N ILE A 69 15.48 9.24 -2.03
CA ILE A 69 15.24 8.83 -0.64
C ILE A 69 15.67 9.78 0.49
N ALA A 70 16.27 10.91 0.15
CA ALA A 70 16.73 11.88 1.16
C ALA A 70 15.69 12.16 2.24
N TYR A 71 14.44 12.43 1.85
CA TYR A 71 13.38 12.69 2.84
C TYR A 71 13.25 11.48 3.75
N LEU A 72 13.31 10.27 3.19
CA LEU A 72 13.17 9.09 4.04
C LEU A 72 14.35 9.02 5.03
N HIS A 73 15.54 9.34 4.56
CA HIS A 73 16.72 9.31 5.43
C HIS A 73 16.72 10.29 6.58
N GLU A 74 16.19 11.49 6.35
CA GLU A 74 16.11 12.51 7.40
C GLU A 74 15.28 11.98 8.57
N ASN A 75 14.46 10.97 8.29
CA ASN A 75 13.56 10.39 9.29
C ASN A 75 13.96 8.97 9.67
N ASN A 76 15.15 8.59 9.20
CA ASN A 76 15.74 7.26 9.39
C ASN A 76 14.79 6.13 8.99
N VAL A 77 14.24 6.26 7.78
CA VAL A 77 13.36 5.23 7.20
C VAL A 77 14.24 4.68 6.07
N THR A 78 14.56 3.40 6.19
CA THR A 78 15.48 2.76 5.26
C THR A 78 14.89 1.70 4.32
N ILE A 79 13.58 1.58 4.29
CA ILE A 79 12.93 0.57 3.46
C ILE A 79 13.17 0.67 1.95
N TRP A 80 13.70 1.79 1.46
CA TRP A 80 13.97 1.91 0.02
C TRP A 80 15.45 1.89 -0.36
N ASP A 81 16.30 1.76 0.65
CA ASP A 81 17.77 1.74 0.52
C ASP A 81 18.25 0.68 -0.45
N GLU A 82 17.64 -0.48 -0.35
CA GLU A 82 17.92 -1.64 -1.18
C GLU A 82 17.93 -1.28 -2.67
N TRP A 83 17.04 -0.38 -3.06
N TRP A 83 17.08 -0.35 -3.06
CA TRP A 83 16.88 -0.02 -4.45
CA TRP A 83 16.84 -0.03 -4.44
C TRP A 83 17.46 1.25 -5.01
C TRP A 83 17.47 1.22 -4.98
N ALA A 84 17.85 2.13 -4.09
CA ALA A 84 18.40 3.41 -4.49
C ALA A 84 19.82 3.29 -5.01
N ASP A 85 20.21 4.25 -5.85
CA ASP A 85 21.56 4.29 -6.40
C ASP A 85 22.41 5.16 -5.46
N GLU A 86 23.68 5.36 -5.78
CA GLU A 86 24.57 6.13 -4.89
C GLU A 86 24.07 7.54 -4.56
N ASN A 87 23.33 8.17 -5.47
CA ASN A 87 22.77 9.50 -5.21
C ASN A 87 21.45 9.36 -4.42
N GLY A 88 20.92 8.14 -4.30
CA GLY A 88 19.67 7.98 -3.56
C GLY A 88 18.43 8.07 -4.44
N ASP A 89 18.66 7.96 -5.75
CA ASP A 89 17.59 8.02 -6.73
C ASP A 89 17.04 6.64 -7.06
N LEU A 90 15.72 6.59 -7.25
CA LEU A 90 15.02 5.36 -7.58
C LEU A 90 14.48 5.37 -9.00
N GLY A 91 14.60 6.49 -9.68
CA GLY A 91 14.05 6.56 -11.02
C GLY A 91 12.62 7.04 -10.89
N PRO A 92 11.87 7.10 -11.99
CA PRO A 92 10.47 7.55 -11.93
C PRO A 92 9.41 6.63 -11.31
N VAL A 93 9.64 6.15 -10.07
CA VAL A 93 8.67 5.26 -9.41
C VAL A 93 7.43 6.00 -8.87
N TYR A 94 6.61 5.32 -8.07
CA TYR A 94 5.34 5.86 -7.54
C TYR A 94 5.07 7.34 -7.47
N GLY A 95 5.73 8.05 -6.56
CA GLY A 95 5.50 9.48 -6.40
C GLY A 95 5.56 10.29 -7.68
N LYS A 96 6.49 9.95 -8.57
CA LYS A 96 6.60 10.70 -9.81
C LYS A 96 5.39 10.47 -10.72
N GLN A 97 4.90 9.24 -10.80
CA GLN A 97 3.75 8.93 -11.65
C GLN A 97 2.45 9.50 -11.07
N TRP A 98 2.35 9.52 -9.75
CA TRP A 98 1.17 10.03 -9.04
C TRP A 98 0.97 11.55 -9.20
N ARG A 99 2.09 12.27 -9.10
CA ARG A 99 2.11 13.72 -9.13
C ARG A 99 2.60 14.41 -10.41
N ALA A 100 3.33 13.68 -11.24
CA ALA A 100 3.90 14.27 -12.44
C ALA A 100 4.08 13.29 -13.59
N TRP A 101 2.99 12.60 -13.96
CA TRP A 101 3.02 11.63 -15.07
C TRP A 101 3.40 12.45 -16.30
N PRO A 102 4.53 12.13 -16.92
CA PRO A 102 4.94 12.88 -18.12
C PRO A 102 4.24 12.47 -19.40
N THR A 103 3.74 13.46 -20.14
CA THR A 103 3.08 13.19 -21.41
C THR A 103 4.04 13.45 -22.56
N PRO A 104 3.74 12.88 -23.74
CA PRO A 104 4.59 13.06 -24.91
C PRO A 104 4.68 14.52 -25.36
N ASP A 105 3.68 15.34 -24.99
CA ASP A 105 3.70 16.74 -25.39
C ASP A 105 4.33 17.69 -24.38
N GLY A 106 5.02 17.16 -23.38
CA GLY A 106 5.68 18.04 -22.42
C GLY A 106 4.94 18.46 -21.15
N ARG A 107 3.80 17.85 -20.88
CA ARG A 107 3.05 18.18 -19.67
C ARG A 107 3.35 17.15 -18.58
N HIS A 108 3.04 17.47 -17.34
CA HIS A 108 3.22 16.55 -16.23
C HIS A 108 1.85 16.50 -15.55
N ILE A 109 1.24 15.31 -15.53
CA ILE A 109 -0.10 15.15 -14.95
C ILE A 109 -0.16 14.80 -13.46
N ASP A 110 -0.86 15.65 -12.72
CA ASP A 110 -1.06 15.48 -11.28
C ASP A 110 -2.31 14.63 -11.10
N GLN A 111 -2.13 13.32 -10.98
CA GLN A 111 -3.27 12.42 -10.81
C GLN A 111 -3.94 12.55 -9.46
N ILE A 112 -3.17 12.89 -8.43
CA ILE A 112 -3.75 13.04 -7.09
C ILE A 112 -4.72 14.22 -7.08
N THR A 113 -4.30 15.39 -7.58
CA THR A 113 -5.19 16.54 -7.63
C THR A 113 -6.38 16.22 -8.58
N THR A 114 -6.11 15.57 -9.72
CA THR A 114 -7.20 15.21 -10.63
C THR A 114 -8.30 14.44 -9.89
N VAL A 115 -7.87 13.44 -9.12
CA VAL A 115 -8.76 12.59 -8.34
C VAL A 115 -9.55 13.37 -7.27
N LEU A 116 -8.92 14.35 -6.62
CA LEU A 116 -9.61 15.16 -5.62
C LEU A 116 -10.68 16.03 -6.30
N ASN A 117 -10.33 16.59 -7.47
CA ASN A 117 -11.28 17.41 -8.23
C ASN A 117 -12.52 16.58 -8.56
N GLN A 118 -12.31 15.35 -9.02
CA GLN A 118 -13.43 14.48 -9.36
C GLN A 118 -14.25 14.09 -8.16
N LEU A 119 -13.58 13.80 -7.04
CA LEU A 119 -14.34 13.40 -5.88
C LEU A 119 -15.22 14.53 -5.37
N LYS A 120 -14.78 15.77 -5.54
CA LYS A 120 -15.57 16.91 -5.07
C LYS A 120 -16.60 17.39 -6.08
N ASN A 121 -16.26 17.33 -7.36
CA ASN A 121 -17.16 17.82 -8.40
C ASN A 121 -17.99 16.82 -9.19
N ASP A 122 -17.52 15.59 -9.29
CA ASP A 122 -18.24 14.58 -10.06
C ASP A 122 -18.04 13.25 -9.34
N PRO A 123 -18.58 13.14 -8.12
CA PRO A 123 -18.46 11.91 -7.32
C PRO A 123 -19.03 10.63 -7.92
N ASP A 124 -19.96 10.73 -8.85
CA ASP A 124 -20.52 9.52 -9.44
C ASP A 124 -19.65 8.97 -10.56
N SER A 125 -18.58 9.67 -10.89
CA SER A 125 -17.70 9.22 -11.97
C SER A 125 -17.19 7.79 -11.82
N ARG A 126 -17.16 7.06 -12.92
CA ARG A 126 -16.67 5.69 -12.91
C ARG A 126 -15.24 5.64 -13.45
N ARG A 127 -14.60 6.80 -13.49
CA ARG A 127 -13.22 6.89 -13.96
C ARG A 127 -12.30 7.62 -12.98
N ILE A 128 -12.52 7.49 -11.67
CA ILE A 128 -11.65 8.18 -10.72
C ILE A 128 -10.51 7.21 -10.46
N ILE A 129 -9.49 7.30 -11.30
CA ILE A 129 -8.37 6.37 -11.26
C ILE A 129 -6.96 7.00 -11.18
N VAL A 130 -6.06 6.30 -10.49
CA VAL A 130 -4.67 6.72 -10.42
C VAL A 130 -3.88 5.48 -10.86
N SER A 131 -2.99 5.66 -11.84
CA SER A 131 -2.16 4.57 -12.35
C SER A 131 -0.68 4.93 -12.25
N ALA A 132 0.14 3.98 -11.77
CA ALA A 132 1.57 4.20 -11.71
C ALA A 132 2.19 3.36 -12.82
N TRP A 133 1.35 2.70 -13.58
CA TRP A 133 1.88 1.86 -14.66
C TRP A 133 2.11 2.66 -15.93
N ASN A 134 3.19 3.43 -15.91
CA ASN A 134 3.55 4.24 -17.05
C ASN A 134 4.52 3.43 -17.89
N VAL A 135 3.96 2.78 -18.92
CA VAL A 135 4.71 1.92 -19.82
C VAL A 135 5.98 2.53 -20.42
N GLY A 136 5.93 3.81 -20.75
CA GLY A 136 7.09 4.45 -21.34
C GLY A 136 8.24 4.73 -20.40
N GLU A 137 8.02 4.62 -19.11
CA GLU A 137 9.07 4.89 -18.12
C GLU A 137 9.48 3.69 -17.26
N LEU A 138 8.91 2.54 -17.56
CA LEU A 138 9.21 1.32 -16.81
C LEU A 138 10.71 0.99 -16.73
N ASP A 139 11.43 1.09 -17.85
CA ASP A 139 12.87 0.77 -17.89
C ASP A 139 13.76 1.63 -17.01
N LYS A 140 13.30 2.85 -16.71
CA LYS A 140 14.06 3.79 -15.90
C LYS A 140 13.81 3.64 -14.40
N MET A 141 12.78 2.89 -14.03
CA MET A 141 12.43 2.70 -12.62
C MET A 141 13.26 1.62 -11.93
N ALA A 142 13.69 1.87 -10.69
CA ALA A 142 14.48 0.87 -9.96
C ALA A 142 13.69 -0.45 -9.98
N LEU A 143 12.36 -0.34 -9.93
CA LEU A 143 11.50 -1.52 -9.97
C LEU A 143 10.10 -1.18 -10.46
N ALA A 144 9.50 -2.15 -11.14
CA ALA A 144 8.15 -1.97 -11.66
C ALA A 144 7.16 -1.93 -10.50
N PRO A 145 6.25 -0.96 -10.51
CA PRO A 145 5.23 -0.77 -9.47
C PRO A 145 4.50 -2.08 -9.13
N CYS A 146 4.38 -2.43 -7.84
N CYS A 146 4.26 -2.41 -7.87
CA CYS A 146 3.62 -3.63 -7.45
CA CYS A 146 3.59 -3.64 -7.40
C CYS A 146 2.18 -3.25 -7.31
C CYS A 146 2.14 -3.30 -7.15
N HIS A 147 1.95 -2.18 -6.53
CA HIS A 147 0.61 -1.65 -6.36
C HIS A 147 0.56 -0.62 -7.50
N ALA A 148 0.05 -1.13 -8.62
CA ALA A 148 0.02 -0.43 -9.91
C ALA A 148 -1.11 0.48 -10.33
N PHE A 149 -2.27 0.24 -9.76
CA PHE A 149 -3.45 0.89 -10.24
C PHE A 149 -4.53 0.88 -9.17
N PHE A 150 -5.15 2.03 -8.93
CA PHE A 150 -6.25 2.09 -7.98
C PHE A 150 -7.38 3.02 -8.42
N GLN A 151 -8.59 2.65 -8.01
CA GLN A 151 -9.79 3.37 -8.36
C GLN A 151 -10.61 3.76 -7.14
N PHE A 152 -11.19 4.96 -7.16
CA PHE A 152 -12.02 5.42 -6.06
C PHE A 152 -13.49 5.34 -6.49
N TYR A 153 -14.37 5.33 -5.50
CA TYR A 153 -15.80 5.17 -5.72
C TYR A 153 -16.57 5.83 -4.58
N VAL A 154 -17.65 6.53 -4.91
CA VAL A 154 -18.46 7.20 -3.90
C VAL A 154 -19.90 6.73 -4.05
N ALA A 155 -20.51 6.33 -2.94
CA ALA A 155 -21.91 5.94 -2.93
C ALA A 155 -22.37 6.18 -1.51
N ASP A 156 -23.49 6.88 -1.36
CA ASP A 156 -24.07 7.19 -0.05
C ASP A 156 -23.11 7.89 0.90
N GLY A 157 -22.36 8.87 0.40
CA GLY A 157 -21.44 9.60 1.25
C GLY A 157 -20.24 8.82 1.74
N LYS A 158 -19.99 7.64 1.17
CA LYS A 158 -18.84 6.84 1.57
C LYS A 158 -17.84 6.67 0.45
N LEU A 159 -16.57 6.92 0.79
CA LEU A 159 -15.46 6.78 -0.14
C LEU A 159 -14.85 5.37 -0.05
N SER A 160 -14.90 4.64 -1.17
CA SER A 160 -14.32 3.29 -1.26
C SER A 160 -13.14 3.37 -2.22
N CYS A 161 -12.28 2.36 -2.18
CA CYS A 161 -11.11 2.33 -3.04
C CYS A 161 -10.69 0.90 -3.36
N GLN A 162 -10.37 0.64 -4.63
CA GLN A 162 -9.92 -0.70 -4.99
C GLN A 162 -8.53 -0.59 -5.59
N LEU A 163 -7.61 -1.37 -5.02
CA LEU A 163 -6.24 -1.41 -5.49
C LEU A 163 -5.96 -2.70 -6.24
N TYR A 164 -5.24 -2.58 -7.35
CA TYR A 164 -4.87 -3.76 -8.11
C TYR A 164 -3.37 -3.91 -7.84
N GLN A 165 -3.00 -5.03 -7.22
CA GLN A 165 -1.60 -5.30 -6.91
C GLN A 165 -1.14 -6.47 -7.79
N ARG A 166 -0.24 -6.23 -8.73
CA ARG A 166 0.21 -7.27 -9.66
C ARG A 166 1.01 -8.42 -9.05
N SER A 167 1.72 -8.12 -7.97
CA SER A 167 2.55 -9.12 -7.35
C SER A 167 2.50 -8.90 -5.85
N CYS A 168 2.36 -9.97 -5.08
CA CYS A 168 2.26 -9.80 -3.64
C CYS A 168 2.87 -10.87 -2.73
N ASP A 169 3.81 -10.44 -1.90
CA ASP A 169 4.46 -11.31 -0.94
C ASP A 169 3.49 -11.20 0.25
N VAL A 170 2.70 -12.25 0.48
CA VAL A 170 1.71 -12.22 1.56
C VAL A 170 2.27 -12.02 2.95
N PHE A 171 3.47 -12.53 3.20
CA PHE A 171 4.01 -12.40 4.53
C PHE A 171 4.67 -11.07 4.83
N LEU A 172 5.55 -10.67 3.93
CA LEU A 172 6.35 -9.46 4.09
C LEU A 172 5.80 -8.17 3.47
N GLY A 173 5.08 -8.29 2.38
CA GLY A 173 4.56 -7.12 1.72
C GLY A 173 3.14 -6.73 2.05
N LEU A 174 2.20 -7.67 1.96
CA LEU A 174 0.80 -7.35 2.18
C LEU A 174 0.36 -6.50 3.39
N PRO A 175 0.77 -6.84 4.64
CA PRO A 175 0.35 -6.02 5.80
C PRO A 175 0.58 -4.54 5.58
N PHE A 176 1.73 -4.24 4.99
CA PHE A 176 2.10 -2.85 4.75
C PHE A 176 1.36 -2.21 3.57
N ASN A 177 1.07 -2.97 2.52
CA ASN A 177 0.35 -2.41 1.38
C ASN A 177 -1.09 -2.05 1.81
N ILE A 178 -1.73 -2.89 2.62
CA ILE A 178 -3.10 -2.63 3.08
C ILE A 178 -3.18 -1.38 3.95
N ALA A 179 -2.34 -1.30 4.98
CA ALA A 179 -2.35 -0.14 5.87
C ALA A 179 -2.05 1.15 5.13
N SER A 180 -1.18 1.07 4.13
CA SER A 180 -0.82 2.25 3.36
C SER A 180 -2.01 2.82 2.59
N TYR A 181 -2.73 1.98 1.85
CA TYR A 181 -3.88 2.46 1.12
C TYR A 181 -5.07 2.80 2.00
N ALA A 182 -5.25 2.10 3.12
CA ALA A 182 -6.37 2.43 4.02
C ALA A 182 -6.15 3.84 4.55
N LEU A 183 -4.89 4.14 4.86
CA LEU A 183 -4.51 5.45 5.37
C LEU A 183 -4.84 6.50 4.31
N LEU A 184 -4.48 6.23 3.06
CA LEU A 184 -4.76 7.18 1.98
C LEU A 184 -6.28 7.39 1.83
N VAL A 185 -7.07 6.34 2.00
CA VAL A 185 -8.51 6.51 1.88
C VAL A 185 -9.00 7.45 3.00
N HIS A 186 -8.45 7.31 4.21
CA HIS A 186 -8.85 8.21 5.30
C HIS A 186 -8.47 9.67 5.01
N MET A 187 -7.28 9.91 4.45
CA MET A 187 -6.88 11.27 4.14
C MET A 187 -7.79 11.89 3.08
N MET A 188 -8.00 11.13 2.01
CA MET A 188 -8.83 11.50 0.87
C MET A 188 -10.26 11.91 1.32
N ALA A 189 -10.86 11.04 2.14
CA ALA A 189 -12.21 11.24 2.68
C ALA A 189 -12.29 12.49 3.55
N GLN A 190 -11.27 12.73 4.36
CA GLN A 190 -11.27 13.90 5.22
C GLN A 190 -11.26 15.17 4.36
N GLN A 191 -10.45 15.17 3.30
CA GLN A 191 -10.32 16.31 2.40
C GLN A 191 -11.54 16.56 1.52
N CYS A 192 -12.39 15.55 1.38
CA CYS A 192 -13.58 15.66 0.55
C CYS A 192 -14.87 15.64 1.35
N ASP A 193 -14.73 15.59 2.67
CA ASP A 193 -15.86 15.56 3.57
C ASP A 193 -16.75 14.35 3.31
N LEU A 194 -16.13 13.18 3.18
CA LEU A 194 -16.89 11.95 2.97
C LEU A 194 -16.55 11.01 4.11
N GLU A 195 -17.40 10.00 4.30
CA GLU A 195 -17.16 8.98 5.33
C GLU A 195 -16.30 7.95 4.64
N VAL A 196 -15.64 7.09 5.41
CA VAL A 196 -14.85 6.05 4.77
C VAL A 196 -15.75 4.86 4.49
N GLY A 197 -15.46 4.16 3.38
CA GLY A 197 -16.23 3.01 3.00
C GLY A 197 -15.40 1.75 3.04
N ASP A 198 -15.29 1.08 1.90
CA ASP A 198 -14.52 -0.15 1.82
C ASP A 198 -13.17 0.02 1.11
N PHE A 199 -12.18 -0.77 1.53
CA PHE A 199 -10.90 -0.81 0.81
C PHE A 199 -10.94 -2.23 0.26
N VAL A 200 -10.92 -2.32 -1.07
CA VAL A 200 -10.96 -3.62 -1.74
C VAL A 200 -9.56 -3.90 -2.27
N TRP A 201 -8.99 -5.03 -1.85
CA TRP A 201 -7.66 -5.39 -2.30
C TRP A 201 -7.78 -6.50 -3.35
N THR A 202 -7.22 -6.26 -4.53
CA THR A 202 -7.26 -7.28 -5.57
C THR A 202 -5.83 -7.61 -5.95
N GLY A 203 -5.54 -8.89 -5.96
CA GLY A 203 -4.20 -9.32 -6.29
C GLY A 203 -4.00 -10.20 -7.50
N GLY A 204 -2.80 -10.07 -8.07
CA GLY A 204 -2.42 -10.86 -9.23
C GLY A 204 -1.66 -12.07 -8.69
N ASP A 205 -0.35 -12.13 -8.91
CA ASP A 205 0.45 -13.25 -8.42
C ASP A 205 0.63 -13.02 -6.92
N THR A 206 -0.14 -13.77 -6.13
CA THR A 206 -0.15 -13.66 -4.67
C THR A 206 0.56 -14.89 -4.13
N HIS A 207 1.65 -14.63 -3.41
CA HIS A 207 2.49 -15.72 -2.98
C HIS A 207 3.19 -15.65 -1.62
N LEU A 208 3.78 -16.79 -1.22
CA LEU A 208 4.56 -16.93 0.01
C LEU A 208 5.88 -17.58 -0.43
N TYR A 209 7.00 -17.05 0.01
CA TYR A 209 8.31 -17.63 -0.33
C TYR A 209 8.48 -18.92 0.45
N SER A 210 9.10 -19.92 -0.18
CA SER A 210 9.29 -21.21 0.48
C SER A 210 10.12 -21.18 1.75
N ASN A 211 10.96 -20.16 1.93
CA ASN A 211 11.77 -20.07 3.16
C ASN A 211 11.01 -19.32 4.26
N HIS A 212 9.70 -19.18 4.08
CA HIS A 212 8.85 -18.52 5.09
C HIS A 212 7.79 -19.48 5.61
N MET A 213 7.99 -20.78 5.42
CA MET A 213 7.01 -21.75 5.88
C MET A 213 6.81 -21.83 7.40
N ASP A 214 7.90 -21.79 8.16
CA ASP A 214 7.79 -21.86 9.62
C ASP A 214 7.14 -20.61 10.21
N GLN A 215 7.50 -19.46 9.65
CA GLN A 215 6.96 -18.18 10.08
C GLN A 215 5.45 -18.15 9.83
N THR A 216 5.04 -18.68 8.68
CA THR A 216 3.63 -18.70 8.29
C THR A 216 2.82 -19.59 9.21
N HIS A 217 3.33 -20.78 9.50
CA HIS A 217 2.64 -21.67 10.38
C HIS A 217 2.56 -21.04 11.77
N LEU A 218 3.61 -20.36 12.18
CA LEU A 218 3.59 -19.72 13.49
C LEU A 218 2.49 -18.64 13.54
N GLN A 219 2.41 -17.78 12.53
CA GLN A 219 1.39 -16.74 12.52
C GLN A 219 -0.02 -17.32 12.40
N LEU A 220 -0.15 -18.41 11.66
CA LEU A 220 -1.45 -19.06 11.44
C LEU A 220 -2.01 -19.68 12.73
N SER A 221 -1.17 -19.82 13.75
CA SER A 221 -1.61 -20.41 15.01
C SER A 221 -2.10 -19.33 15.98
N ARG A 222 -1.87 -18.08 15.63
CA ARG A 222 -2.27 -16.95 16.46
C ARG A 222 -3.70 -16.47 16.19
N GLU A 223 -4.29 -15.87 17.22
CA GLU A 223 -5.65 -15.37 17.13
C GLU A 223 -5.71 -13.87 16.91
N PRO A 224 -6.48 -13.44 15.91
CA PRO A 224 -6.65 -12.01 15.58
C PRO A 224 -7.19 -11.27 16.78
N ARG A 225 -6.72 -10.05 16.99
CA ARG A 225 -7.19 -9.24 18.08
C ARG A 225 -8.04 -8.12 17.47
N PRO A 226 -8.76 -7.36 18.31
CA PRO A 226 -9.60 -6.26 17.82
C PRO A 226 -8.77 -5.34 16.93
N LEU A 227 -9.40 -4.74 15.92
CA LEU A 227 -8.69 -3.83 15.04
C LEU A 227 -8.51 -2.47 15.72
N PRO A 228 -7.38 -1.78 15.47
CA PRO A 228 -7.22 -0.48 16.14
C PRO A 228 -8.10 0.57 15.45
N LYS A 229 -8.08 1.78 15.97
CA LYS A 229 -8.86 2.86 15.40
C LYS A 229 -7.86 3.93 15.02
N LEU A 230 -8.03 4.54 13.86
CA LEU A 230 -7.10 5.57 13.38
C LEU A 230 -7.64 6.93 13.77
N ILE A 231 -6.80 7.79 14.31
CA ILE A 231 -7.34 9.10 14.55
C ILE A 231 -6.42 10.14 13.85
N ILE A 232 -7.06 11.07 13.15
CA ILE A 232 -6.36 12.14 12.46
C ILE A 232 -6.62 13.38 13.30
N LYS A 233 -5.54 13.84 13.93
CA LYS A 233 -5.60 14.96 14.86
C LYS A 233 -5.96 16.34 14.40
N ARG A 234 -5.72 16.65 13.13
CA ARG A 234 -6.07 17.93 12.60
C ARG A 234 -6.52 17.75 11.16
N LYS A 235 -7.09 18.79 10.58
CA LYS A 235 -7.53 18.75 9.20
C LYS A 235 -6.71 19.75 8.41
N PRO A 236 -5.67 19.28 7.70
CA PRO A 236 -4.83 20.19 6.91
C PRO A 236 -5.62 20.85 5.80
N GLU A 237 -5.05 21.93 5.28
CA GLU A 237 -5.64 22.73 4.21
C GLU A 237 -5.66 21.98 2.87
N SER A 238 -4.83 20.95 2.75
CA SER A 238 -4.80 20.16 1.52
C SER A 238 -4.18 18.79 1.77
N ILE A 239 -4.30 17.92 0.77
CA ILE A 239 -3.80 16.54 0.81
C ILE A 239 -2.26 16.48 0.85
N PHE A 240 -1.61 17.57 0.48
CA PHE A 240 -0.15 17.62 0.47
C PHE A 240 0.41 18.25 1.75
N ASP A 241 -0.45 18.56 2.71
CA ASP A 241 0.00 19.19 3.94
C ASP A 241 -0.04 18.37 5.22
N TYR A 242 -0.20 17.06 5.08
CA TYR A 242 -0.22 16.21 6.26
C TYR A 242 1.21 16.10 6.76
N ARG A 243 1.33 15.78 8.04
CA ARG A 243 2.61 15.63 8.68
C ARG A 243 2.53 14.35 9.50
N PHE A 244 3.69 13.73 9.74
CA PHE A 244 3.74 12.48 10.48
C PHE A 244 2.91 12.48 11.76
N GLU A 245 3.05 13.53 12.55
CA GLU A 245 2.37 13.64 13.84
C GLU A 245 0.86 13.86 13.84
N ASP A 246 0.26 13.99 12.66
CA ASP A 246 -1.18 14.19 12.54
C ASP A 246 -1.95 12.89 12.78
N PHE A 247 -1.21 11.78 12.69
CA PHE A 247 -1.80 10.45 12.83
C PHE A 247 -1.49 9.73 14.13
N GLU A 248 -2.50 9.07 14.68
CA GLU A 248 -2.34 8.30 15.89
C GLU A 248 -3.22 7.08 15.71
N ILE A 249 -2.68 5.94 16.13
CA ILE A 249 -3.37 4.68 16.06
C ILE A 249 -3.69 4.36 17.49
N GLU A 250 -4.95 4.06 17.76
CA GLU A 250 -5.35 3.79 19.12
C GLU A 250 -5.89 2.39 19.28
N GLY A 251 -5.51 1.72 20.37
CA GLY A 251 -6.00 0.38 20.61
C GLY A 251 -5.28 -0.73 19.85
N TYR A 252 -4.03 -0.49 19.45
CA TYR A 252 -3.31 -1.52 18.72
C TYR A 252 -2.51 -2.37 19.69
N ASP A 253 -2.95 -3.61 19.84
CA ASP A 253 -2.31 -4.56 20.76
C ASP A 253 -1.99 -5.86 20.01
N PRO A 254 -0.91 -5.85 19.20
CA PRO A 254 -0.41 -6.96 18.38
C PRO A 254 0.32 -8.12 19.06
N HIS A 255 0.37 -9.28 18.41
CA HIS A 255 1.14 -10.40 18.96
C HIS A 255 2.57 -9.96 18.58
N PRO A 256 3.61 -10.61 19.12
CA PRO A 256 5.01 -10.26 18.81
C PRO A 256 5.38 -10.30 17.33
N GLY A 257 6.33 -9.47 16.92
CA GLY A 257 6.75 -9.44 15.53
C GLY A 257 7.49 -10.72 15.12
N ILE A 258 7.37 -11.11 13.86
CA ILE A 258 8.05 -12.32 13.36
C ILE A 258 9.02 -11.89 12.26
N LYS A 259 10.27 -12.33 12.33
CA LYS A 259 11.23 -11.94 11.31
C LYS A 259 11.20 -12.90 10.13
N ALA A 260 11.20 -12.36 8.91
CA ALA A 260 11.22 -13.22 7.75
C ALA A 260 12.42 -12.79 6.93
N PRO A 261 13.42 -13.68 6.84
CA PRO A 261 14.64 -13.40 6.08
C PRO A 261 14.42 -13.54 4.58
N VAL A 262 15.25 -12.86 3.81
CA VAL A 262 15.15 -12.91 2.36
C VAL A 262 16.46 -13.39 1.77
N ALA A 263 16.40 -14.08 0.64
CA ALA A 263 17.61 -14.55 -0.01
C ALA A 263 18.15 -13.36 -0.82
N ILE A 264 19.44 -13.36 -1.16
CA ILE A 264 19.98 -12.28 -1.99
C ILE A 264 20.50 -12.84 -3.32
#